data_3GV1
#
_entry.id   3GV1
#
_cell.length_a   40.329
_cell.length_b   76.777
_cell.length_c   64.305
_cell.angle_alpha   90.00
_cell.angle_beta   94.30
_cell.angle_gamma   90.00
#
_symmetry.space_group_name_H-M   'P 1 21 1'
#
loop_
_entity.id
_entity.type
_entity.pdbx_description
1 polymer 'Disulfide interchange protein'
2 non-polymer 'BENZOIC ACID'
3 water water
#
_entity_poly.entity_id   1
_entity_poly.type   'polypeptide(L)'
_entity_poly.pdbx_seq_one_letter_code
;(MSE)SLDKAIKEVRGNGKLKVAVFSDPDCPFCKRLEHEFEK(MSE)TDVTVYSF(MSE)(MSE)PIAGLHPDAARKAQI
LWCQPDRAKAWTDW(MSE)RKGKFPVGGSICDNPVAETTSLGEQFGFNGTPTLVFPNGRTQSGYSP(MSE)PQLEEIIRK
NQQEGHHHHHH
;
_entity_poly.pdbx_strand_id   A,B,C
#
# COMPACT_ATOMS: atom_id res chain seq x y z
N SER A 2 13.99 0.10 1.89
CA SER A 2 15.00 0.92 2.58
C SER A 2 14.52 2.36 2.62
N LEU A 3 14.51 2.98 3.80
CA LEU A 3 14.04 4.35 3.95
C LEU A 3 14.79 5.31 3.03
N ASP A 4 16.03 4.98 2.70
CA ASP A 4 16.82 5.80 1.81
C ASP A 4 16.17 5.89 0.43
N LYS A 5 15.27 4.98 0.12
CA LYS A 5 14.62 5.05 -1.18
C LYS A 5 13.23 5.70 -1.06
N ALA A 6 12.97 6.36 0.06
CA ALA A 6 11.68 7.00 0.28
C ALA A 6 11.81 8.52 0.40
N ILE A 7 10.76 9.24 0.01
CA ILE A 7 10.67 10.66 0.29
C ILE A 7 10.26 10.83 1.74
N LYS A 8 10.99 11.66 2.47
CA LYS A 8 10.82 11.75 3.91
C LYS A 8 10.29 13.11 4.33
N GLU A 9 9.09 13.11 4.90
CA GLU A 9 8.55 14.36 5.44
C GLU A 9 8.45 14.24 6.94
N VAL A 10 9.08 15.18 7.65
CA VAL A 10 8.90 15.28 9.09
C VAL A 10 7.93 16.41 9.41
N ARG A 11 6.80 16.06 10.03
CA ARG A 11 5.85 17.08 10.49
C ARG A 11 5.96 17.22 12.00
N GLY A 12 6.17 18.44 12.49
CA GLY A 12 6.25 18.64 13.93
C GLY A 12 7.39 17.86 14.52
N ASN A 13 7.16 17.12 15.60
CA ASN A 13 8.29 16.41 16.23
C ASN A 13 8.61 15.07 15.56
N GLY A 14 7.85 14.74 14.51
CA GLY A 14 8.11 13.56 13.71
C GLY A 14 8.02 12.23 14.43
N LYS A 15 7.44 12.23 15.63
CA LYS A 15 7.31 11.02 16.45
C LYS A 15 6.66 9.80 15.79
N LEU A 16 5.45 9.93 15.28
CA LEU A 16 4.81 8.77 14.69
C LEU A 16 5.49 8.47 13.36
N LYS A 17 5.57 7.19 13.01
CA LYS A 17 6.18 6.80 11.74
C LYS A 17 5.16 6.11 10.86
N VAL A 18 5.15 6.46 9.59
CA VAL A 18 4.28 5.77 8.64
C VAL A 18 4.92 5.82 7.28
N ALA A 19 4.72 4.77 6.49
CA ALA A 19 5.25 4.76 5.13
C ALA A 19 4.12 4.49 4.17
N VAL A 20 4.27 4.89 2.93
CA VAL A 20 3.17 4.80 1.98
C VAL A 20 3.74 4.44 0.63
N PHE A 21 3.20 3.43 -0.01
CA PHE A 21 3.54 3.21 -1.39
C PHE A 21 2.50 3.99 -2.20
N SER A 22 2.94 5.03 -2.89
CA SER A 22 2.05 6.03 -3.46
C SER A 22 2.30 6.33 -4.95
N ASP A 23 1.25 6.67 -5.68
CA ASP A 23 1.32 6.96 -7.11
C ASP A 23 0.98 8.44 -7.26
N PRO A 24 1.87 9.25 -7.84
CA PRO A 24 1.64 10.70 -7.93
C PRO A 24 0.39 11.14 -8.74
N ASP A 25 -0.19 10.21 -9.50
CA ASP A 25 -1.38 10.55 -10.27
C ASP A 25 -2.62 9.89 -9.67
N CYS A 26 -2.46 9.24 -8.51
CA CYS A 26 -3.58 8.59 -7.84
C CYS A 26 -4.33 9.55 -6.91
N PRO A 27 -5.60 9.84 -7.20
CA PRO A 27 -6.38 10.76 -6.36
C PRO A 27 -6.55 10.22 -4.95
N PHE A 28 -6.51 8.90 -4.77
CA PHE A 28 -6.58 8.34 -3.44
C PHE A 28 -5.32 8.67 -2.63
N CYS A 29 -4.15 8.65 -3.31
CA CYS A 29 -2.89 9.04 -2.69
C CYS A 29 -2.86 10.53 -2.43
N LYS A 30 -3.43 11.29 -3.35
CA LYS A 30 -3.53 12.73 -3.17
C LYS A 30 -4.41 13.04 -1.96
N ARG A 31 -5.53 12.33 -1.83
CA ARG A 31 -6.40 12.53 -0.69
C ARG A 31 -5.67 12.19 0.61
N LEU A 32 -5.00 11.04 0.66
CA LEU A 32 -4.17 10.69 1.82
C LEU A 32 -3.28 11.87 2.20
N GLU A 33 -2.74 12.56 1.21
CA GLU A 33 -1.78 13.63 1.50
C GLU A 33 -2.47 14.89 2.00
N HIS A 34 -3.69 15.10 1.54
CA HIS A 34 -4.54 16.11 2.13
C HIS A 34 -4.76 15.88 3.62
N GLU A 35 -5.05 14.63 4.01
CA GLU A 35 -5.21 14.27 5.42
C GLU A 35 -3.91 14.34 6.25
N PHE A 36 -2.78 13.85 5.71
CA PHE A 36 -1.48 14.07 6.34
C PHE A 36 -1.23 15.54 6.64
N GLU A 37 -1.62 16.41 5.72
CA GLU A 37 -1.45 17.85 5.95
C GLU A 37 -2.13 18.35 7.21
N LYS A 38 -3.18 17.64 7.64
CA LYS A 38 -3.92 18.01 8.83
C LYS A 38 -3.33 17.44 10.12
N THR A 40 0.02 16.19 12.75
CA THR A 40 1.37 16.61 13.08
C THR A 40 2.16 15.55 13.88
N ASP A 41 3.39 15.87 14.22
CA ASP A 41 4.20 14.93 15.00
C ASP A 41 4.22 13.57 14.32
N VAL A 42 4.57 13.56 13.04
CA VAL A 42 4.56 12.33 12.26
C VAL A 42 5.56 12.47 11.17
N THR A 43 6.28 11.38 10.89
CA THR A 43 7.22 11.32 9.78
C THR A 43 6.61 10.43 8.71
N VAL A 44 6.53 10.94 7.48
CA VAL A 44 5.91 10.18 6.40
C VAL A 44 6.95 9.81 5.39
N TYR A 45 7.12 8.52 5.16
CA TYR A 45 8.06 7.99 4.19
C TYR A 45 7.28 7.54 2.97
N SER A 46 7.46 8.22 1.87
CA SER A 46 6.63 7.89 0.69
C SER A 46 7.52 7.20 -0.34
N PHE A 47 7.20 5.95 -0.63
CA PHE A 47 7.86 5.19 -1.69
C PHE A 47 7.06 5.35 -3.00
N PRO A 50 4.29 4.42 -8.93
CA PRO A 50 3.41 4.73 -10.07
C PRO A 50 2.93 3.43 -10.69
N ILE A 51 1.66 3.39 -11.10
CA ILE A 51 1.11 2.25 -11.79
C ILE A 51 0.92 2.66 -13.25
N ALA A 52 1.90 2.33 -14.08
CA ALA A 52 1.99 2.88 -15.42
C ALA A 52 0.79 2.52 -16.28
N GLY A 53 0.29 1.30 -16.12
CA GLY A 53 -0.88 0.85 -16.86
C GLY A 53 -2.13 1.69 -16.62
N LEU A 54 -2.23 2.27 -15.43
CA LEU A 54 -3.41 3.06 -15.09
C LEU A 54 -3.14 4.54 -15.31
N HIS A 55 -1.91 4.97 -15.03
CA HIS A 55 -1.57 6.39 -15.09
C HIS A 55 -0.28 6.59 -15.89
N PRO A 56 -0.42 6.77 -17.21
CA PRO A 56 0.70 6.73 -18.14
C PRO A 56 1.76 7.80 -17.84
N ASP A 57 1.40 8.90 -17.18
CA ASP A 57 2.39 9.97 -16.92
C ASP A 57 2.99 9.89 -15.50
N ALA A 58 2.55 8.90 -14.73
CA ALA A 58 2.88 8.86 -13.30
C ALA A 58 4.34 8.56 -13.07
N ALA A 59 4.92 7.73 -13.94
CA ALA A 59 6.31 7.34 -13.73
C ALA A 59 7.20 8.56 -13.95
N ARG A 60 6.88 9.38 -14.95
CA ARG A 60 7.62 10.62 -15.16
C ARG A 60 7.51 11.54 -13.95
N LYS A 61 6.30 11.70 -13.44
CA LYS A 61 6.06 12.61 -12.31
C LYS A 61 6.85 12.13 -11.11
N ALA A 62 6.75 10.85 -10.78
CA ALA A 62 7.45 10.31 -9.62
C ALA A 62 8.97 10.55 -9.70
N GLN A 63 9.54 10.37 -10.89
CA GLN A 63 10.97 10.56 -11.09
C GLN A 63 11.35 12.02 -11.00
N ILE A 64 10.51 12.89 -11.55
CA ILE A 64 10.77 14.31 -11.43
C ILE A 64 10.75 14.75 -9.97
N LEU A 65 9.74 14.31 -9.23
CA LEU A 65 9.61 14.76 -7.87
C LEU A 65 10.77 14.25 -7.00
N TRP A 66 11.13 12.99 -7.19
CA TRP A 66 12.25 12.39 -6.48
C TRP A 66 13.52 13.19 -6.72
N CYS A 67 13.69 13.70 -7.93
CA CYS A 67 14.94 14.33 -8.35
C CYS A 67 15.04 15.83 -8.06
N GLN A 68 14.00 16.39 -7.44
CA GLN A 68 14.04 17.80 -7.01
C GLN A 68 14.99 17.93 -5.83
N PRO A 69 15.56 19.12 -5.67
CA PRO A 69 16.58 19.38 -4.64
C PRO A 69 16.02 19.15 -3.24
N ASP A 70 14.77 19.50 -3.02
CA ASP A 70 14.07 19.16 -1.78
C ASP A 70 12.90 18.28 -2.15
N ARG A 71 13.10 16.97 -2.10
CA ARG A 71 12.09 16.08 -2.66
C ARG A 71 10.83 16.05 -1.82
N ALA A 72 10.93 16.22 -0.49
CA ALA A 72 9.73 16.28 0.35
C ALA A 72 8.87 17.51 0.07
N LYS A 73 9.50 18.65 -0.16
CA LYS A 73 8.79 19.86 -0.52
C LYS A 73 8.14 19.70 -1.90
N ALA A 74 8.86 19.15 -2.87
CA ALA A 74 8.25 18.90 -4.20
C ALA A 74 7.07 17.92 -4.11
N TRP A 75 7.25 16.87 -3.31
CA TRP A 75 6.20 15.85 -3.16
C TRP A 75 4.96 16.45 -2.52
N THR A 76 5.11 17.04 -1.33
CA THR A 76 3.96 17.72 -0.68
C THR A 76 3.32 18.84 -1.50
N ASP A 77 4.12 19.62 -2.21
CA ASP A 77 3.59 20.72 -3.01
C ASP A 77 2.73 20.21 -4.15
N TRP A 78 3.13 19.07 -4.72
CA TRP A 78 2.36 18.51 -5.83
C TRP A 78 1.11 17.85 -5.28
N ARG A 80 -0.53 18.08 -2.37
CA ARG A 80 -1.47 18.85 -1.58
C ARG A 80 -1.91 20.10 -2.29
N LYS A 81 -1.01 20.68 -3.09
CA LYS A 81 -1.26 21.97 -3.73
C LYS A 81 -1.42 21.95 -5.28
N GLY A 82 -1.09 20.85 -5.93
CA GLY A 82 -1.09 20.82 -7.39
C GLY A 82 0.07 21.58 -8.04
N LYS A 83 1.04 22.01 -7.25
CA LYS A 83 2.21 22.71 -7.78
C LYS A 83 3.24 21.68 -8.24
N PHE A 84 3.61 21.73 -9.51
CA PHE A 84 4.50 20.75 -10.09
C PHE A 84 5.76 21.42 -10.65
N PRO A 85 6.94 20.79 -10.54
CA PRO A 85 8.16 21.39 -11.08
C PRO A 85 8.28 21.06 -12.56
N VAL A 86 7.62 21.88 -13.37
CA VAL A 86 7.42 21.59 -14.77
C VAL A 86 8.76 21.40 -15.51
N GLY A 87 9.77 22.16 -15.12
CA GLY A 87 11.09 22.02 -15.72
C GLY A 87 12.04 21.06 -15.00
N GLY A 88 11.52 20.24 -14.10
CA GLY A 88 12.39 19.37 -13.32
C GLY A 88 13.08 18.31 -14.16
N SER A 89 14.36 18.03 -13.87
CA SER A 89 15.07 17.03 -14.65
C SER A 89 14.94 15.64 -14.02
N ILE A 90 15.12 14.60 -14.83
CA ILE A 90 15.17 13.24 -14.31
C ILE A 90 16.59 12.71 -14.41
N CYS A 91 17.16 12.30 -13.26
CA CYS A 91 18.48 11.66 -13.17
C CYS A 91 18.28 10.23 -12.65
N ASP A 92 19.35 9.47 -12.49
CA ASP A 92 19.20 8.10 -11.99
C ASP A 92 18.49 8.13 -10.64
N ASN A 93 17.57 7.19 -10.42
CA ASN A 93 16.69 7.26 -9.27
C ASN A 93 16.06 5.89 -8.97
N PRO A 94 15.50 5.71 -7.77
CA PRO A 94 15.05 4.37 -7.35
C PRO A 94 13.57 4.05 -7.65
N VAL A 95 12.89 4.87 -8.44
CA VAL A 95 11.46 4.65 -8.65
C VAL A 95 11.19 3.28 -9.26
N ALA A 96 11.95 2.89 -10.29
CA ALA A 96 11.68 1.61 -10.95
C ALA A 96 11.85 0.52 -9.91
N GLU A 97 12.86 0.71 -9.07
CA GLU A 97 13.12 -0.21 -7.99
C GLU A 97 12.01 -0.27 -6.93
N THR A 98 11.53 0.88 -6.45
CA THR A 98 10.46 0.87 -5.45
C THR A 98 9.14 0.43 -6.06
N THR A 99 8.95 0.69 -7.34
CA THR A 99 7.83 0.12 -8.06
C THR A 99 7.87 -1.41 -8.07
N SER A 100 8.99 -2.00 -8.45
CA SER A 100 9.14 -3.46 -8.41
C SER A 100 8.93 -4.03 -7.01
N LEU A 101 9.48 -3.33 -6.03
CA LEU A 101 9.34 -3.78 -4.65
C LEU A 101 7.89 -3.82 -4.22
N GLY A 102 7.12 -2.82 -4.61
CA GLY A 102 5.73 -2.76 -4.22
C GLY A 102 5.00 -3.95 -4.80
N GLU A 103 5.28 -4.24 -6.07
CA GLU A 103 4.68 -5.40 -6.75
C GLU A 103 5.07 -6.69 -6.03
N GLN A 104 6.35 -6.84 -5.77
CA GLN A 104 6.89 -7.99 -5.07
C GLN A 104 6.15 -8.17 -3.77
N PHE A 105 5.80 -7.07 -3.11
CA PHE A 105 5.22 -7.15 -1.78
C PHE A 105 3.76 -7.55 -1.88
N GLY A 106 3.25 -7.58 -3.10
CA GLY A 106 1.88 -7.96 -3.37
C GLY A 106 0.97 -6.77 -3.26
N PHE A 107 1.52 -5.56 -3.29
CA PHE A 107 0.64 -4.40 -3.16
C PHE A 107 -0.13 -4.22 -4.46
N ASN A 108 -1.44 -4.25 -4.39
CA ASN A 108 -2.17 -3.71 -5.52
C ASN A 108 -3.13 -2.63 -5.06
N GLY A 109 -2.89 -1.44 -5.54
CA GLY A 109 -3.76 -0.35 -5.19
C GLY A 109 -2.89 0.58 -4.41
N THR A 110 -3.13 1.85 -4.66
CA THR A 110 -2.47 2.93 -3.97
C THR A 110 -3.57 3.80 -3.32
N PRO A 111 -3.27 4.42 -2.18
CA PRO A 111 -2.00 4.22 -1.46
C PRO A 111 -1.99 2.89 -0.73
N THR A 112 -0.80 2.31 -0.49
CA THR A 112 -0.70 1.24 0.47
C THR A 112 0.14 1.77 1.63
N LEU A 113 -0.41 1.71 2.83
CA LEU A 113 0.30 2.23 4.00
C LEU A 113 0.98 1.07 4.69
N VAL A 114 2.18 1.31 5.20
CA VAL A 114 2.89 0.34 6.00
C VAL A 114 3.18 0.93 7.37
N PHE A 115 2.95 0.17 8.42
CA PHE A 115 3.13 0.70 9.77
C PHE A 115 4.37 0.09 10.42
N PRO A 116 4.91 0.73 11.49
CA PRO A 116 6.14 0.23 12.15
C PRO A 116 5.96 -1.15 12.74
N ASN A 117 4.72 -1.61 12.92
CA ASN A 117 4.55 -2.97 13.40
C ASN A 117 4.58 -4.00 12.28
N GLY A 118 4.78 -3.57 11.03
CA GLY A 118 4.73 -4.49 9.90
C GLY A 118 3.38 -4.73 9.25
N ARG A 119 2.30 -4.27 9.88
CA ARG A 119 0.98 -4.37 9.25
C ARG A 119 0.82 -3.32 8.14
N THR A 120 -0.13 -3.58 7.24
CA THR A 120 -0.35 -2.66 6.14
C THR A 120 -1.81 -2.28 6.05
N GLN A 121 -2.08 -1.22 5.32
CA GLN A 121 -3.47 -0.86 4.99
C GLN A 121 -3.57 -0.50 3.52
N SER A 122 -4.53 -1.11 2.82
CA SER A 122 -4.87 -0.72 1.46
C SER A 122 -5.83 0.46 1.49
N GLY A 123 -5.45 1.58 0.89
CA GLY A 123 -6.36 2.68 0.76
C GLY A 123 -6.21 3.69 1.88
N TYR A 124 -6.65 4.92 1.64
CA TYR A 124 -6.45 5.98 2.62
C TYR A 124 -7.49 5.90 3.74
N SER A 125 -7.29 6.72 4.78
CA SER A 125 -8.26 6.92 5.85
C SER A 125 -8.33 8.42 6.01
N PRO A 126 -9.50 8.96 6.37
CA PRO A 126 -9.65 10.39 6.68
C PRO A 126 -9.17 10.68 8.10
N PRO A 128 -9.98 12.22 11.68
CA PRO A 128 -8.95 11.79 12.62
C PRO A 128 -8.67 10.27 12.62
N GLN A 129 -9.45 9.48 11.88
CA GLN A 129 -9.19 8.04 11.83
C GLN A 129 -7.74 7.71 11.46
N LEU A 130 -7.22 8.41 10.45
CA LEU A 130 -5.89 8.18 9.97
C LEU A 130 -4.87 8.24 11.12
N GLU A 131 -4.96 9.29 11.94
CA GLU A 131 -4.07 9.42 13.08
C GLU A 131 -4.27 8.30 14.10
N GLU A 132 -5.53 7.97 14.41
CA GLU A 132 -5.83 6.86 15.31
C GLU A 132 -5.18 5.56 14.83
N ILE A 133 -5.37 5.25 13.55
CA ILE A 133 -4.84 4.03 12.96
C ILE A 133 -3.31 4.02 12.96
N ILE A 134 -2.68 5.13 12.58
CA ILE A 134 -1.23 5.22 12.65
C ILE A 134 -0.75 5.02 14.09
N ARG A 135 -1.35 5.72 15.05
CA ARG A 135 -0.90 5.60 16.44
C ARG A 135 -1.00 4.16 16.92
N LYS A 136 -2.09 3.50 16.56
CA LYS A 136 -2.36 2.15 17.04
C LYS A 136 -1.42 1.10 16.44
N ASN A 137 -0.77 1.45 15.34
CA ASN A 137 0.10 0.48 14.68
C ASN A 137 1.57 0.86 14.79
N GLN A 138 1.90 1.75 15.73
CA GLN A 138 3.29 1.99 16.03
C GLN A 138 3.90 0.73 16.68
N GLN A 139 3.07 -0.05 17.37
CA GLN A 139 3.60 -1.31 17.89
C GLN A 139 2.59 -2.45 17.75
N GLU A 140 3.09 -3.68 17.77
CA GLU A 140 2.21 -4.83 17.55
C GLU A 140 1.72 -5.24 18.92
N SER B 2 28.42 -17.42 9.60
CA SER B 2 28.27 -18.80 10.04
C SER B 2 26.93 -19.01 10.74
N LEU B 3 26.30 -20.15 10.50
CA LEU B 3 24.97 -20.41 11.05
C LEU B 3 24.92 -20.24 12.56
N ASP B 4 25.97 -20.63 13.28
CA ASP B 4 25.89 -20.44 14.72
C ASP B 4 25.86 -18.96 15.12
N LYS B 5 25.94 -18.06 14.14
CA LYS B 5 25.80 -16.64 14.43
C LYS B 5 24.41 -16.11 14.08
N ALA B 6 23.50 -17.02 13.79
CA ALA B 6 22.13 -16.65 13.44
C ALA B 6 21.15 -17.19 14.47
N ILE B 7 20.05 -16.50 14.63
CA ILE B 7 18.94 -16.99 15.41
C ILE B 7 18.28 -18.07 14.58
N LYS B 8 18.06 -19.25 15.17
CA LYS B 8 17.51 -20.39 14.43
C LYS B 8 16.12 -20.75 14.90
N GLU B 9 15.11 -20.53 14.06
CA GLU B 9 13.77 -20.97 14.39
C GLU B 9 13.44 -22.19 13.54
N VAL B 10 13.18 -23.32 14.19
CA VAL B 10 12.71 -24.52 13.49
C VAL B 10 11.21 -24.61 13.58
N ARG B 11 10.55 -24.71 12.43
CA ARG B 11 9.10 -24.76 12.36
C ARG B 11 8.71 -26.10 11.76
N GLY B 12 7.81 -26.85 12.39
CA GLY B 12 7.52 -28.20 11.92
C GLY B 12 8.79 -29.04 11.84
N ASN B 13 8.99 -29.74 10.75
CA ASN B 13 10.18 -30.60 10.60
C ASN B 13 11.42 -29.78 10.20
N GLY B 14 11.25 -28.48 9.95
CA GLY B 14 12.39 -27.61 9.67
C GLY B 14 13.11 -27.87 8.35
N LYS B 15 12.42 -28.54 7.43
CA LYS B 15 13.05 -29.08 6.23
C LYS B 15 13.59 -28.04 5.22
N LEU B 16 12.74 -27.11 4.79
CA LEU B 16 13.20 -26.01 3.95
C LEU B 16 14.15 -25.11 4.73
N LYS B 17 15.19 -24.63 4.07
CA LYS B 17 16.14 -23.72 4.70
C LYS B 17 16.09 -22.33 4.09
N VAL B 18 16.15 -21.31 4.94
CA VAL B 18 16.27 -19.96 4.41
C VAL B 18 16.95 -19.12 5.45
N ALA B 19 17.79 -18.17 5.02
CA ALA B 19 18.36 -17.22 5.98
C ALA B 19 17.97 -15.79 5.63
N VAL B 20 17.96 -14.94 6.64
CA VAL B 20 17.52 -13.58 6.43
C VAL B 20 18.47 -12.66 7.15
N PHE B 21 18.96 -11.65 6.46
CA PHE B 21 19.65 -10.57 7.13
C PHE B 21 18.56 -9.55 7.49
N SER B 22 18.33 -9.39 8.78
CA SER B 22 17.12 -8.71 9.27
C SER B 22 17.48 -7.68 10.32
N ASP B 23 16.64 -6.65 10.41
CA ASP B 23 16.80 -5.53 11.32
C ASP B 23 15.58 -5.56 12.19
N PRO B 24 15.76 -5.65 13.52
CA PRO B 24 14.62 -5.80 14.44
C PRO B 24 13.65 -4.61 14.41
N ASP B 25 14.11 -3.46 13.92
CA ASP B 25 13.25 -2.28 13.86
C ASP B 25 12.75 -2.00 12.44
N CYS B 26 13.05 -2.90 11.51
CA CYS B 26 12.54 -2.76 10.14
C CYS B 26 11.14 -3.39 9.97
N PRO B 27 10.13 -2.58 9.62
CA PRO B 27 8.77 -3.11 9.47
C PRO B 27 8.65 -4.11 8.31
N PHE B 28 9.50 -3.96 7.31
CA PHE B 28 9.54 -4.93 6.21
C PHE B 28 10.06 -6.28 6.74
N CYS B 29 11.05 -6.22 7.64
CA CYS B 29 11.49 -7.43 8.34
C CYS B 29 10.39 -8.03 9.22
N LYS B 30 9.63 -7.18 9.89
CA LYS B 30 8.55 -7.71 10.72
C LYS B 30 7.51 -8.38 9.83
N ARG B 31 7.19 -7.74 8.72
CA ARG B 31 6.17 -8.27 7.82
C ARG B 31 6.65 -9.63 7.31
N LEU B 32 7.90 -9.72 6.91
CA LEU B 32 8.46 -11.06 6.57
C LEU B 32 8.24 -12.10 7.68
N GLU B 33 8.47 -11.72 8.94
CA GLU B 33 8.23 -12.65 10.04
C GLU B 33 6.76 -13.07 10.20
N HIS B 34 5.83 -12.14 9.91
CA HIS B 34 4.40 -12.47 9.89
C HIS B 34 4.06 -13.45 8.80
N GLU B 35 4.81 -13.41 7.70
CA GLU B 35 4.59 -14.36 6.61
C GLU B 35 5.13 -15.72 7.01
N PHE B 36 6.36 -15.75 7.54
CA PHE B 36 6.97 -16.99 8.02
C PHE B 36 6.04 -17.71 8.99
N GLU B 37 5.21 -16.93 9.68
CA GLU B 37 4.31 -17.53 10.67
C GLU B 37 3.27 -18.38 9.97
N LYS B 38 3.07 -18.14 8.68
CA LYS B 38 2.02 -18.82 7.93
C LYS B 38 2.55 -20.10 7.33
N THR B 40 5.18 -23.69 7.60
CA THR B 40 5.79 -24.64 8.49
C THR B 40 6.80 -25.41 7.69
N ASP B 41 7.46 -26.34 8.38
CA ASP B 41 8.43 -27.20 7.78
C ASP B 41 9.56 -26.39 7.16
N VAL B 42 10.06 -25.44 7.95
CA VAL B 42 11.13 -24.55 7.50
C VAL B 42 11.98 -24.18 8.71
N THR B 43 13.28 -24.05 8.48
CA THR B 43 14.14 -23.48 9.49
C THR B 43 14.49 -22.09 8.99
N VAL B 44 14.26 -21.07 9.81
CA VAL B 44 14.66 -19.74 9.42
C VAL B 44 15.87 -19.32 10.22
N TYR B 45 16.98 -19.01 9.54
CA TYR B 45 18.19 -18.46 10.18
C TYR B 45 18.25 -16.94 10.00
N SER B 46 18.04 -16.21 11.08
CA SER B 46 18.05 -14.75 11.00
C SER B 46 19.38 -14.21 11.51
N PHE B 47 20.09 -13.53 10.63
CA PHE B 47 21.37 -12.91 10.95
C PHE B 47 21.04 -11.47 11.30
N PRO B 50 21.15 -4.83 12.00
CA PRO B 50 20.50 -3.54 12.29
C PRO B 50 21.12 -2.49 11.39
N ILE B 51 20.32 -1.55 10.89
CA ILE B 51 20.90 -0.45 10.12
C ILE B 51 20.81 0.82 10.95
N ALA B 52 21.88 1.08 11.70
CA ALA B 52 21.89 2.13 12.69
C ALA B 52 21.59 3.50 12.11
N GLY B 53 22.01 3.77 10.89
CA GLY B 53 21.72 5.05 10.29
C GLY B 53 20.23 5.29 10.17
N LEU B 54 19.48 4.21 9.96
CA LEU B 54 18.04 4.32 9.77
C LEU B 54 17.30 4.16 11.08
N HIS B 55 17.81 3.24 11.90
CA HIS B 55 17.11 2.74 13.07
C HIS B 55 18.01 2.76 14.32
N PRO B 56 18.12 3.93 14.97
CA PRO B 56 19.03 4.24 16.08
C PRO B 56 19.03 3.20 17.21
N ASP B 57 17.87 2.64 17.54
CA ASP B 57 17.76 1.65 18.60
C ASP B 57 17.95 0.20 18.14
N ALA B 58 18.13 -0.03 16.85
CA ALA B 58 18.06 -1.40 16.32
C ALA B 58 19.20 -2.32 16.77
N ALA B 59 20.42 -1.81 16.85
CA ALA B 59 21.56 -2.62 17.36
C ALA B 59 21.38 -3.10 18.80
N ARG B 60 20.87 -2.24 19.67
CA ARG B 60 20.54 -2.63 21.02
C ARG B 60 19.46 -3.72 21.08
N LYS B 61 18.37 -3.53 20.34
CA LYS B 61 17.33 -4.56 20.30
C LYS B 61 17.91 -5.93 19.85
N ALA B 62 18.80 -5.90 18.86
CA ALA B 62 19.33 -7.12 18.26
C ALA B 62 20.19 -7.88 19.26
N GLN B 63 21.06 -7.16 19.95
CA GLN B 63 21.85 -7.79 20.97
C GLN B 63 21.02 -8.34 22.12
N ILE B 64 20.05 -7.57 22.58
CA ILE B 64 19.17 -8.06 23.63
C ILE B 64 18.41 -9.33 23.23
N LEU B 65 17.84 -9.32 22.02
CA LEU B 65 17.15 -10.50 21.54
C LEU B 65 18.12 -11.69 21.41
N TRP B 66 19.29 -11.43 20.83
CA TRP B 66 20.32 -12.48 20.68
C TRP B 66 20.66 -13.12 22.00
N CYS B 67 20.77 -12.29 23.06
CA CYS B 67 21.29 -12.77 24.35
C CYS B 67 20.25 -13.36 25.30
N GLN B 68 18.99 -13.38 24.92
CA GLN B 68 17.98 -14.06 25.73
C GLN B 68 18.23 -15.56 25.79
N PRO B 69 17.71 -16.24 26.81
CA PRO B 69 17.96 -17.68 26.96
C PRO B 69 17.52 -18.51 25.75
N ASP B 70 16.35 -18.21 25.20
CA ASP B 70 15.85 -18.86 24.01
C ASP B 70 15.72 -17.74 22.97
N ARG B 71 16.77 -17.56 22.16
CA ARG B 71 16.86 -16.40 21.30
C ARG B 71 15.90 -16.47 20.11
N ALA B 72 15.47 -17.68 19.74
CA ALA B 72 14.43 -17.81 18.69
C ALA B 72 13.06 -17.38 19.23
N LYS B 73 12.78 -17.76 20.46
CA LYS B 73 11.55 -17.37 21.11
C LYS B 73 11.47 -15.84 21.22
N ALA B 74 12.57 -15.22 21.62
CA ALA B 74 12.63 -13.78 21.81
C ALA B 74 12.51 -13.03 20.48
N TRP B 75 13.24 -13.54 19.48
CA TRP B 75 13.14 -13.02 18.12
C TRP B 75 11.70 -13.01 17.57
N THR B 76 11.02 -14.15 17.61
CA THR B 76 9.67 -14.23 17.05
C THR B 76 8.61 -13.50 17.93
N ASP B 77 8.79 -13.57 19.25
CA ASP B 77 7.94 -12.83 20.18
C ASP B 77 7.95 -11.34 19.81
N TRP B 78 9.13 -10.81 19.52
CA TRP B 78 9.28 -9.40 19.19
C TRP B 78 8.77 -9.08 17.79
N ARG B 80 6.80 -10.80 15.64
CA ARG B 80 5.42 -11.08 15.27
C ARG B 80 4.43 -10.52 16.28
N LYS B 81 4.87 -10.38 17.53
CA LYS B 81 3.95 -10.10 18.62
C LYS B 81 4.19 -8.75 19.27
N GLY B 82 5.35 -8.15 19.02
CA GLY B 82 5.67 -6.89 19.68
C GLY B 82 6.01 -7.07 21.15
N LYS B 83 6.22 -8.31 21.57
CA LYS B 83 6.67 -8.55 22.95
C LYS B 83 8.18 -8.38 23.04
N PHE B 84 8.66 -7.38 23.79
CA PHE B 84 10.11 -7.17 23.93
C PHE B 84 10.58 -7.56 25.33
N PRO B 85 11.77 -8.17 25.44
CA PRO B 85 12.14 -8.59 26.79
C PRO B 85 12.08 -7.45 27.80
N VAL B 86 11.79 -7.77 29.05
CA VAL B 86 11.61 -6.76 30.07
C VAL B 86 12.94 -6.35 30.69
N GLY B 87 13.67 -7.30 31.24
CA GLY B 87 14.95 -6.92 31.84
C GLY B 87 16.15 -7.43 31.07
N GLY B 88 16.14 -7.26 29.76
CA GLY B 88 17.12 -7.96 28.94
C GLY B 88 18.51 -7.38 28.99
N SER B 89 19.47 -8.24 29.31
CA SER B 89 20.88 -7.88 29.34
C SER B 89 21.57 -8.34 28.07
N ILE B 90 22.75 -7.79 27.85
CA ILE B 90 23.53 -8.04 26.66
C ILE B 90 24.81 -8.68 27.13
N CYS B 91 25.21 -9.80 26.52
CA CYS B 91 26.53 -10.37 26.75
C CYS B 91 27.31 -10.40 25.45
N ASP B 92 28.55 -10.89 25.49
CA ASP B 92 29.35 -10.94 24.28
C ASP B 92 28.52 -11.60 23.19
N ASN B 93 28.43 -10.95 22.03
CA ASN B 93 27.53 -11.43 20.99
C ASN B 93 28.08 -11.10 19.59
N PRO B 94 27.56 -11.76 18.56
CA PRO B 94 28.05 -11.62 17.18
C PRO B 94 27.34 -10.54 16.32
N VAL B 95 26.47 -9.73 16.93
CA VAL B 95 25.68 -8.76 16.15
C VAL B 95 26.57 -7.79 15.36
N ALA B 96 27.56 -7.21 16.03
CA ALA B 96 28.50 -6.34 15.34
C ALA B 96 29.09 -7.05 14.13
N GLU B 97 29.44 -8.31 14.30
CA GLU B 97 30.09 -9.06 13.22
C GLU B 97 29.15 -9.40 12.07
N THR B 98 27.92 -9.82 12.37
CA THR B 98 26.99 -10.15 11.30
C THR B 98 26.51 -8.88 10.58
N THR B 99 26.53 -7.75 11.28
CA THR B 99 26.20 -6.47 10.67
C THR B 99 27.26 -6.10 9.64
N SER B 100 28.53 -6.16 10.04
CA SER B 100 29.64 -5.94 9.09
C SER B 100 29.62 -6.89 7.91
N LEU B 101 29.38 -8.17 8.18
CA LEU B 101 29.34 -9.17 7.13
C LEU B 101 28.28 -8.82 6.11
N GLY B 102 27.07 -8.57 6.57
CA GLY B 102 25.97 -8.24 5.67
C GLY B 102 26.32 -7.09 4.76
N GLU B 103 26.96 -6.09 5.35
CA GLU B 103 27.42 -4.93 4.58
C GLU B 103 28.49 -5.34 3.58
N GLN B 104 29.42 -6.16 4.04
CA GLN B 104 30.47 -6.65 3.14
C GLN B 104 29.87 -7.43 1.98
N PHE B 105 28.77 -8.14 2.23
CA PHE B 105 28.15 -8.93 1.17
C PHE B 105 27.40 -8.01 0.17
N GLY B 106 27.26 -6.73 0.50
CA GLY B 106 26.57 -5.79 -0.37
C GLY B 106 25.07 -5.73 -0.11
N PHE B 107 24.62 -6.22 1.03
CA PHE B 107 23.19 -6.10 1.34
C PHE B 107 22.94 -4.70 1.87
N ASN B 108 22.26 -3.88 1.08
CA ASN B 108 22.05 -2.47 1.43
C ASN B 108 20.71 -2.19 2.09
N GLY B 109 19.91 -3.23 2.28
CA GLY B 109 18.55 -3.09 2.76
C GLY B 109 18.06 -4.38 3.38
N THR B 110 16.96 -4.29 4.15
CA THR B 110 16.45 -5.42 4.88
C THR B 110 14.96 -5.56 4.55
N PRO B 111 14.44 -6.79 4.57
CA PRO B 111 15.21 -8.00 4.86
C PRO B 111 15.95 -8.46 3.60
N THR B 112 17.12 -9.07 3.75
CA THR B 112 17.71 -9.71 2.58
C THR B 112 17.70 -11.20 2.85
N LEU B 113 17.06 -11.95 1.95
CA LEU B 113 16.99 -13.39 2.13
C LEU B 113 18.15 -14.02 1.40
N VAL B 114 18.65 -15.12 1.95
CA VAL B 114 19.77 -15.90 1.38
C VAL B 114 19.35 -17.37 1.33
N PHE B 115 19.36 -17.95 0.13
CA PHE B 115 18.84 -19.31 -0.06
C PHE B 115 19.98 -20.33 -0.14
N PRO B 116 19.69 -21.61 0.08
CA PRO B 116 20.73 -22.65 0.13
C PRO B 116 21.56 -22.75 -1.15
N ASN B 117 21.01 -22.30 -2.27
CA ASN B 117 21.70 -22.41 -3.53
C ASN B 117 22.60 -21.22 -3.75
N GLY B 118 22.64 -20.33 -2.75
CA GLY B 118 23.55 -19.20 -2.81
C GLY B 118 22.97 -17.93 -3.45
N ARG B 119 21.73 -18.02 -3.94
CA ARG B 119 21.07 -16.81 -4.41
C ARG B 119 20.42 -16.03 -3.29
N THR B 120 20.05 -14.79 -3.59
CA THR B 120 19.45 -13.91 -2.59
C THR B 120 18.21 -13.23 -3.15
N GLN B 121 17.45 -12.59 -2.26
CA GLN B 121 16.35 -11.74 -2.69
C GLN B 121 16.40 -10.52 -1.78
N SER B 122 16.40 -9.33 -2.36
CA SER B 122 16.21 -8.13 -1.55
C SER B 122 14.74 -7.93 -1.36
N GLY B 123 14.32 -7.76 -0.10
CA GLY B 123 12.92 -7.47 0.23
C GLY B 123 12.07 -8.71 0.47
N TYR B 124 10.99 -8.55 1.24
CA TYR B 124 10.15 -9.69 1.54
C TYR B 124 9.21 -10.03 0.40
N SER B 125 8.56 -11.18 0.53
CA SER B 125 7.48 -11.55 -0.34
C SER B 125 6.38 -12.02 0.60
N PRO B 126 5.11 -11.87 0.18
CA PRO B 126 3.99 -12.44 0.91
C PRO B 126 3.82 -13.92 0.59
N PRO B 128 1.27 -16.86 -0.74
CA PRO B 128 1.94 -18.17 -0.86
C PRO B 128 3.29 -18.10 -1.60
N GLN B 129 3.56 -16.96 -2.22
CA GLN B 129 4.73 -16.84 -3.06
C GLN B 129 6.00 -17.13 -2.30
N LEU B 130 6.12 -16.58 -1.10
CA LEU B 130 7.31 -16.67 -0.28
C LEU B 130 7.73 -18.12 -0.17
N GLU B 131 6.76 -18.98 0.11
CA GLU B 131 7.05 -20.40 0.27
C GLU B 131 7.57 -21.02 -1.03
N GLU B 132 6.95 -20.66 -2.15
CA GLU B 132 7.36 -21.14 -3.47
C GLU B 132 8.81 -20.77 -3.79
N ILE B 133 9.15 -19.53 -3.51
CA ILE B 133 10.47 -19.02 -3.84
C ILE B 133 11.53 -19.75 -3.00
N ILE B 134 11.26 -19.88 -1.71
CA ILE B 134 12.17 -20.61 -0.83
C ILE B 134 12.33 -22.04 -1.35
N ARG B 135 11.23 -22.66 -1.73
CA ARG B 135 11.28 -24.03 -2.19
C ARG B 135 12.12 -24.17 -3.45
N LYS B 136 11.93 -23.25 -4.37
CA LYS B 136 12.61 -23.24 -5.64
C LYS B 136 14.07 -23.00 -5.52
N ASN B 137 14.52 -22.40 -4.43
CA ASN B 137 15.94 -22.05 -4.28
C ASN B 137 16.69 -22.91 -3.28
N GLN B 138 16.08 -24.02 -2.90
CA GLN B 138 16.74 -25.06 -2.12
C GLN B 138 17.89 -25.68 -2.94
N GLN B 139 17.71 -25.77 -4.24
CA GLN B 139 18.77 -26.22 -5.12
C GLN B 139 19.05 -25.35 -6.36
N GLU B 140 20.27 -25.53 -6.85
CA GLU B 140 20.79 -25.06 -8.11
C GLU B 140 22.02 -24.22 -7.98
N SER C 2 -7.79 1.06 -6.64
CA SER C 2 -7.33 0.74 -8.00
C SER C 2 -8.45 0.82 -9.00
N LEU C 3 -8.22 1.59 -10.03
CA LEU C 3 -9.15 1.71 -11.14
C LEU C 3 -9.58 0.34 -11.64
N ASP C 4 -8.70 -0.66 -11.54
CA ASP C 4 -9.01 -2.03 -11.92
C ASP C 4 -10.23 -2.58 -11.18
N LYS C 5 -10.58 -1.98 -10.05
CA LYS C 5 -11.75 -2.42 -9.31
C LYS C 5 -12.96 -1.51 -9.57
N ALA C 6 -12.94 -0.81 -10.70
CA ALA C 6 -13.98 0.14 -11.04
C ALA C 6 -14.59 -0.23 -12.37
N ILE C 7 -15.87 0.08 -12.55
CA ILE C 7 -16.53 -0.03 -13.84
C ILE C 7 -16.14 1.21 -14.63
N LYS C 8 -15.65 1.03 -15.84
CA LYS C 8 -15.12 2.14 -16.57
C LYS C 8 -15.95 2.44 -17.81
N GLU C 9 -16.53 3.64 -17.87
CA GLU C 9 -17.17 4.05 -19.10
C GLU C 9 -16.40 5.22 -19.66
N VAL C 10 -15.97 5.10 -20.92
CA VAL C 10 -15.35 6.20 -21.60
C VAL C 10 -16.35 6.85 -22.55
N ARG C 11 -16.62 8.13 -22.36
CA ARG C 11 -17.53 8.88 -23.22
C ARG C 11 -16.76 9.87 -24.10
N GLY C 12 -17.02 9.80 -25.40
CA GLY C 12 -16.27 10.62 -26.34
C GLY C 12 -14.78 10.39 -26.19
N ASN C 13 -14.02 11.48 -26.02
CA ASN C 13 -12.56 11.36 -25.89
C ASN C 13 -12.08 10.92 -24.49
N GLY C 14 -13.00 10.92 -23.52
CA GLY C 14 -12.72 10.49 -22.15
C GLY C 14 -11.75 11.36 -21.37
N LYS C 15 -11.62 12.62 -21.76
CA LYS C 15 -10.57 13.49 -21.23
C LYS C 15 -10.72 13.84 -19.75
N LEU C 16 -11.93 14.21 -19.36
CA LEU C 16 -12.23 14.42 -17.95
C LEU C 16 -12.31 13.08 -17.20
N LYS C 17 -11.74 13.02 -16.00
CA LYS C 17 -11.85 11.84 -15.16
C LYS C 17 -12.65 12.17 -13.91
N VAL C 18 -13.53 11.25 -13.53
CA VAL C 18 -14.23 11.31 -12.26
C VAL C 18 -14.47 9.87 -11.82
N ALA C 19 -14.39 9.62 -10.52
CA ALA C 19 -14.84 8.34 -9.95
C ALA C 19 -16.09 8.59 -9.13
N VAL C 20 -16.87 7.53 -8.93
CA VAL C 20 -18.13 7.61 -8.20
C VAL C 20 -18.28 6.34 -7.40
N PHE C 21 -18.55 6.48 -6.11
CA PHE C 21 -18.89 5.35 -5.29
C PHE C 21 -20.41 5.28 -5.31
N SER C 22 -20.94 4.15 -5.76
CA SER C 22 -22.31 4.13 -6.27
C SER C 22 -23.02 2.85 -5.87
N ASP C 23 -24.30 2.99 -5.57
CA ASP C 23 -25.18 1.90 -5.13
C ASP C 23 -26.19 1.72 -6.25
N PRO C 24 -26.26 0.52 -6.83
CA PRO C 24 -27.16 0.30 -7.97
C PRO C 24 -28.64 0.50 -7.66
N ASP C 25 -29.03 0.51 -6.39
CA ASP C 25 -30.43 0.71 -6.03
C ASP C 25 -30.71 2.13 -5.51
N CYS C 26 -29.71 3.00 -5.56
CA CYS C 26 -29.89 4.36 -5.04
C CYS C 26 -30.42 5.27 -6.13
N PRO C 27 -31.58 5.89 -5.91
CA PRO C 27 -32.13 6.73 -6.98
C PRO C 27 -31.25 7.95 -7.25
N PHE C 28 -30.51 8.42 -6.24
CA PHE C 28 -29.61 9.55 -6.42
C PHE C 28 -28.46 9.16 -7.36
N CYS C 29 -28.03 7.91 -7.26
CA CYS C 29 -27.01 7.37 -8.17
C CYS C 29 -27.53 7.22 -9.62
N LYS C 30 -28.77 6.77 -9.78
CA LYS C 30 -29.36 6.68 -11.11
C LYS C 30 -29.49 8.07 -11.71
N ARG C 31 -29.87 9.04 -10.90
CA ARG C 31 -30.02 10.41 -11.39
C ARG C 31 -28.64 10.90 -11.89
N LEU C 32 -27.60 10.68 -11.10
CA LEU C 32 -26.25 11.07 -11.53
C LEU C 32 -25.95 10.45 -12.90
N GLU C 33 -26.30 9.17 -13.05
CA GLU C 33 -26.06 8.45 -14.29
C GLU C 33 -26.90 8.97 -15.47
N HIS C 34 -28.08 9.53 -15.17
CA HIS C 34 -28.84 10.26 -16.17
C HIS C 34 -28.14 11.54 -16.54
N GLU C 35 -27.45 12.15 -15.58
CA GLU C 35 -26.72 13.39 -15.85
C GLU C 35 -25.48 13.10 -16.68
N PHE C 36 -24.75 12.01 -16.34
CA PHE C 36 -23.56 11.65 -17.12
C PHE C 36 -23.91 11.47 -18.59
N GLU C 37 -25.10 10.98 -18.86
CA GLU C 37 -25.54 10.71 -20.23
C GLU C 37 -25.65 12.03 -21.00
N LYS C 38 -25.79 13.13 -20.26
CA LYS C 38 -25.91 14.45 -20.88
C LYS C 38 -24.57 15.14 -21.06
N THR C 40 -20.09 14.46 -22.26
CA THR C 40 -19.17 13.53 -22.92
C THR C 40 -17.74 14.01 -22.76
N ASP C 41 -16.80 13.31 -23.39
CA ASP C 41 -15.40 13.63 -23.22
C ASP C 41 -15.01 13.44 -21.75
N VAL C 42 -15.50 12.33 -21.18
CA VAL C 42 -15.23 12.06 -19.78
C VAL C 42 -15.13 10.56 -19.58
N THR C 43 -14.28 10.18 -18.64
CA THR C 43 -14.20 8.80 -18.20
C THR C 43 -14.82 8.71 -16.81
N VAL C 44 -15.80 7.83 -16.64
CA VAL C 44 -16.49 7.68 -15.37
C VAL C 44 -16.08 6.35 -14.82
N TYR C 45 -15.47 6.36 -13.63
CA TYR C 45 -15.10 5.11 -12.98
C TYR C 45 -16.04 4.89 -11.82
N SER C 46 -16.88 3.87 -11.93
CA SER C 46 -17.82 3.58 -10.85
C SER C 46 -17.39 2.40 -10.01
N PHE C 47 -17.09 2.69 -8.75
CA PHE C 47 -16.81 1.73 -7.71
C PHE C 47 -18.09 1.34 -7.01
N PRO C 50 -22.82 -0.66 -2.62
CA PRO C 50 -24.19 -0.80 -2.14
C PRO C 50 -24.17 -0.56 -0.65
N ILE C 51 -25.21 0.11 -0.14
CA ILE C 51 -25.44 0.24 1.28
C ILE C 51 -26.53 -0.76 1.68
N ALA C 52 -26.09 -1.92 2.16
CA ALA C 52 -26.98 -3.03 2.45
C ALA C 52 -28.13 -2.71 3.41
N GLY C 53 -27.89 -1.81 4.36
CA GLY C 53 -28.87 -1.48 5.36
C GLY C 53 -30.07 -0.72 4.77
N LEU C 54 -29.83 -0.03 3.66
CA LEU C 54 -30.86 0.74 2.98
C LEU C 54 -31.44 -0.05 1.81
N HIS C 55 -30.55 -0.79 1.14
CA HIS C 55 -30.90 -1.55 -0.05
C HIS C 55 -30.39 -2.99 0.04
N PRO C 56 -31.23 -3.87 0.61
CA PRO C 56 -30.87 -5.26 0.90
C PRO C 56 -30.48 -6.05 -0.34
N ASP C 57 -31.08 -5.74 -1.48
CA ASP C 57 -30.76 -6.41 -2.74
C ASP C 57 -29.62 -5.78 -3.58
N ALA C 58 -29.13 -4.61 -3.18
CA ALA C 58 -28.16 -3.89 -4.01
C ALA C 58 -26.79 -4.59 -4.19
N ALA C 59 -26.35 -5.33 -3.18
CA ALA C 59 -25.07 -6.04 -3.29
C ALA C 59 -25.12 -7.12 -4.38
N ARG C 60 -26.22 -7.86 -4.45
CA ARG C 60 -26.44 -8.79 -5.54
C ARG C 60 -26.36 -8.07 -6.89
N LYS C 61 -27.10 -6.98 -7.04
CA LYS C 61 -27.16 -6.31 -8.33
C LYS C 61 -25.76 -5.88 -8.72
N ALA C 62 -25.03 -5.42 -7.73
CA ALA C 62 -23.72 -4.86 -7.97
C ALA C 62 -22.81 -5.91 -8.57
N GLN C 63 -22.90 -7.10 -8.01
CA GLN C 63 -22.00 -8.18 -8.38
C GLN C 63 -22.40 -8.73 -9.73
N ILE C 64 -23.70 -8.88 -9.95
CA ILE C 64 -24.19 -9.35 -11.22
C ILE C 64 -23.77 -8.39 -12.34
N LEU C 65 -23.97 -7.08 -12.13
CA LEU C 65 -23.52 -6.10 -13.13
C LEU C 65 -22.00 -6.17 -13.33
N TRP C 66 -21.24 -6.28 -12.24
CA TRP C 66 -19.79 -6.43 -12.37
C TRP C 66 -19.38 -7.66 -13.19
N CYS C 67 -20.07 -8.77 -12.98
CA CYS C 67 -19.70 -10.03 -13.60
C CYS C 67 -20.22 -10.19 -15.05
N GLN C 68 -20.87 -9.17 -15.61
CA GLN C 68 -21.35 -9.28 -16.99
C GLN C 68 -20.20 -9.21 -18.01
N PRO C 69 -20.42 -9.74 -19.23
CA PRO C 69 -19.32 -9.73 -20.22
C PRO C 69 -18.85 -8.31 -20.54
N ASP C 70 -19.75 -7.33 -20.45
CA ASP C 70 -19.36 -5.94 -20.65
C ASP C 70 -19.94 -5.13 -19.49
N ARG C 71 -19.14 -4.93 -18.46
CA ARG C 71 -19.73 -4.50 -17.20
C ARG C 71 -20.16 -3.05 -17.30
N ALA C 72 -19.44 -2.25 -18.09
CA ALA C 72 -19.81 -0.85 -18.29
C ALA C 72 -21.14 -0.75 -19.04
N LYS C 73 -21.29 -1.57 -20.07
CA LYS C 73 -22.56 -1.69 -20.77
C LYS C 73 -23.67 -2.12 -19.82
N ALA C 74 -23.42 -3.11 -18.97
CA ALA C 74 -24.46 -3.55 -18.04
C ALA C 74 -24.80 -2.44 -17.07
N TRP C 75 -23.78 -1.74 -16.61
CA TRP C 75 -23.93 -0.67 -15.64
C TRP C 75 -24.77 0.46 -16.17
N THR C 76 -24.52 0.89 -17.40
CA THR C 76 -25.23 2.03 -17.95
C THR C 76 -26.65 1.64 -18.35
N ASP C 77 -26.80 0.45 -18.92
CA ASP C 77 -28.13 -0.05 -19.26
C ASP C 77 -28.98 -0.12 -18.01
N TRP C 78 -28.39 -0.56 -16.92
CA TRP C 78 -29.17 -0.73 -15.71
C TRP C 78 -29.49 0.61 -15.13
N ARG C 80 -29.36 3.76 -16.47
CA ARG C 80 -29.95 4.79 -17.31
C ARG C 80 -31.26 4.34 -17.95
N LYS C 81 -31.34 3.05 -18.30
CA LYS C 81 -32.52 2.49 -18.99
C LYS C 81 -33.35 1.52 -18.13
N GLY C 82 -32.85 1.20 -16.94
CA GLY C 82 -33.49 0.24 -16.07
C GLY C 82 -33.47 -1.19 -16.58
N LYS C 83 -32.51 -1.50 -17.46
CA LYS C 83 -32.42 -2.82 -18.02
C LYS C 83 -31.47 -3.71 -17.22
N PHE C 84 -31.98 -4.81 -16.70
CA PHE C 84 -31.18 -5.68 -15.85
C PHE C 84 -30.79 -6.98 -16.54
N PRO C 85 -29.58 -7.49 -16.28
CA PRO C 85 -29.15 -8.67 -17.02
C PRO C 85 -30.04 -9.90 -16.74
N VAL C 86 -30.21 -10.71 -17.77
CA VAL C 86 -30.89 -11.99 -17.68
C VAL C 86 -29.83 -13.09 -17.55
N GLY C 87 -30.02 -14.03 -16.64
CA GLY C 87 -29.00 -15.05 -16.40
C GLY C 87 -27.72 -14.42 -15.86
N GLY C 88 -26.58 -14.98 -16.21
CA GLY C 88 -25.33 -14.38 -15.74
C GLY C 88 -25.15 -14.57 -14.25
N SER C 89 -24.00 -15.16 -13.88
CA SER C 89 -23.77 -15.62 -12.53
C SER C 89 -22.87 -14.68 -11.77
N ILE C 90 -22.83 -14.86 -10.46
CA ILE C 90 -21.88 -14.14 -9.66
C ILE C 90 -20.66 -15.05 -9.42
N CYS C 91 -19.48 -14.49 -9.58
CA CYS C 91 -18.26 -15.17 -9.18
C CYS C 91 -17.32 -14.15 -8.55
N ASP C 92 -16.11 -14.58 -8.25
CA ASP C 92 -15.11 -13.70 -7.65
C ASP C 92 -15.21 -12.28 -8.21
N ASN C 93 -15.39 -11.29 -7.34
CA ASN C 93 -15.53 -9.89 -7.76
C ASN C 93 -15.07 -8.90 -6.66
N PRO C 94 -14.84 -7.64 -7.01
CA PRO C 94 -14.30 -6.71 -6.00
C PRO C 94 -15.34 -5.89 -5.20
N VAL C 95 -16.63 -6.24 -5.25
CA VAL C 95 -17.66 -5.39 -4.62
C VAL C 95 -17.52 -5.33 -3.09
N ALA C 96 -17.22 -6.46 -2.43
CA ALA C 96 -17.08 -6.44 -0.99
C ALA C 96 -15.94 -5.50 -0.62
N GLU C 97 -14.88 -5.56 -1.42
CA GLU C 97 -13.71 -4.74 -1.20
C GLU C 97 -13.99 -3.24 -1.41
N THR C 98 -14.65 -2.88 -2.52
CA THR C 98 -14.94 -1.48 -2.79
C THR C 98 -15.94 -0.88 -1.80
N THR C 99 -16.86 -1.70 -1.34
CA THR C 99 -17.81 -1.30 -0.31
C THR C 99 -17.06 -0.97 0.96
N SER C 100 -16.20 -1.91 1.39
CA SER C 100 -15.38 -1.70 2.59
C SER C 100 -14.49 -0.46 2.47
N LEU C 101 -13.91 -0.27 1.29
CA LEU C 101 -13.10 0.90 0.98
C LEU C 101 -13.90 2.20 1.10
N GLY C 102 -15.09 2.21 0.51
CA GLY C 102 -15.95 3.36 0.61
C GLY C 102 -16.22 3.70 2.06
N GLU C 103 -16.47 2.68 2.88
CA GLU C 103 -16.68 2.90 4.30
C GLU C 103 -15.43 3.38 4.99
N GLN C 104 -14.30 2.79 4.65
CA GLN C 104 -13.03 3.15 5.25
C GLN C 104 -12.73 4.61 4.94
N PHE C 105 -13.08 5.05 3.73
CA PHE C 105 -12.81 6.43 3.32
C PHE C 105 -13.69 7.42 4.08
N GLY C 106 -14.71 6.93 4.75
CA GLY C 106 -15.59 7.84 5.50
C GLY C 106 -16.78 8.30 4.67
N PHE C 107 -17.10 7.55 3.63
CA PHE C 107 -18.19 7.95 2.74
C PHE C 107 -19.51 7.52 3.39
N ASN C 108 -20.37 8.50 3.63
CA ASN C 108 -21.61 8.31 4.39
C ASN C 108 -22.84 8.00 3.50
N GLY C 109 -22.74 8.30 2.23
CA GLY C 109 -23.85 8.06 1.32
C GLY C 109 -23.41 7.99 -0.13
N THR C 110 -24.38 7.68 -0.98
CA THR C 110 -24.17 7.57 -2.42
C THR C 110 -25.05 8.60 -3.15
N PRO C 111 -24.56 9.12 -4.28
CA PRO C 111 -23.23 8.80 -4.81
C PRO C 111 -22.18 9.63 -4.07
N THR C 112 -20.94 9.13 -3.96
CA THR C 112 -19.83 9.99 -3.59
C THR C 112 -18.85 10.08 -4.76
N LEU C 113 -18.54 11.31 -5.16
CA LEU C 113 -17.66 11.55 -6.29
C LEU C 113 -16.25 11.83 -5.80
N VAL C 114 -15.27 11.37 -6.57
CA VAL C 114 -13.86 11.59 -6.29
C VAL C 114 -13.26 12.17 -7.55
N PHE C 115 -12.55 13.29 -7.40
CA PHE C 115 -11.94 13.96 -8.55
C PHE C 115 -10.43 13.76 -8.57
N PRO C 116 -9.80 13.98 -9.72
CA PRO C 116 -8.35 13.77 -9.86
C PRO C 116 -7.47 14.60 -8.92
N ASN C 117 -8.02 15.61 -8.26
CA ASN C 117 -7.21 16.40 -7.36
C ASN C 117 -7.26 15.86 -5.96
N GLY C 118 -7.98 14.75 -5.80
CA GLY C 118 -8.12 14.10 -4.52
C GLY C 118 -9.30 14.61 -3.70
N ARG C 119 -10.03 15.59 -4.23
CA ARG C 119 -11.18 16.12 -3.48
C ARG C 119 -12.40 15.28 -3.78
N THR C 120 -13.40 15.33 -2.90
CA THR C 120 -14.62 14.54 -3.06
C THR C 120 -15.85 15.42 -2.95
N GLN C 121 -16.97 14.90 -3.41
CA GLN C 121 -18.25 15.58 -3.18
C GLN C 121 -19.27 14.54 -2.76
N SER C 122 -20.05 14.82 -1.72
CA SER C 122 -21.16 13.93 -1.33
C SER C 122 -22.41 14.30 -2.09
N GLY C 123 -23.02 13.31 -2.73
CA GLY C 123 -24.25 13.54 -3.45
C GLY C 123 -24.06 14.06 -4.86
N TYR C 124 -25.11 13.92 -5.66
CA TYR C 124 -25.02 14.25 -7.08
C TYR C 124 -25.20 15.74 -7.30
N SER C 125 -24.94 16.14 -8.52
CA SER C 125 -25.13 17.51 -8.97
C SER C 125 -25.75 17.32 -10.33
N PRO C 126 -26.62 18.25 -10.74
CA PRO C 126 -27.17 18.13 -12.09
C PRO C 126 -26.30 18.89 -13.07
N PRO C 128 -25.81 21.95 -15.63
CA PRO C 128 -24.44 21.98 -16.11
C PRO C 128 -23.40 21.93 -14.98
N GLN C 129 -23.87 22.09 -13.75
CA GLN C 129 -23.02 22.21 -12.57
C GLN C 129 -22.10 21.00 -12.40
N LEU C 130 -22.63 19.80 -12.64
CA LEU C 130 -21.87 18.57 -12.57
C LEU C 130 -20.57 18.73 -13.37
N GLU C 131 -20.69 19.03 -14.67
CA GLU C 131 -19.51 19.16 -15.51
C GLU C 131 -18.59 20.29 -15.08
N GLU C 132 -19.17 21.39 -14.62
CA GLU C 132 -18.33 22.48 -14.12
C GLU C 132 -17.48 22.01 -12.93
N ILE C 133 -18.10 21.23 -12.05
CA ILE C 133 -17.44 20.78 -10.84
C ILE C 133 -16.34 19.76 -11.19
N ILE C 134 -16.66 18.80 -12.04
CA ILE C 134 -15.65 17.85 -12.54
C ILE C 134 -14.45 18.57 -13.16
N ARG C 135 -14.73 19.59 -13.97
CA ARG C 135 -13.65 20.37 -14.60
C ARG C 135 -12.75 21.09 -13.61
N LYS C 136 -13.33 21.83 -12.67
CA LYS C 136 -12.55 22.64 -11.74
C LYS C 136 -11.71 21.77 -10.78
N ASN C 137 -12.09 20.50 -10.68
CA ASN C 137 -11.41 19.58 -9.80
C ASN C 137 -10.46 18.62 -10.52
N GLN C 138 -10.24 18.82 -11.82
CA GLN C 138 -9.22 18.04 -12.50
C GLN C 138 -7.84 18.39 -11.95
N GLN C 139 -7.63 19.65 -11.56
CA GLN C 139 -6.37 20.09 -10.94
C GLN C 139 -6.63 20.77 -9.59
N GLU C 140 -5.61 20.76 -8.73
CA GLU C 140 -5.74 21.38 -7.40
C GLU C 140 -5.29 22.84 -7.47
#